data_6SU9
#
_entry.id   6SU9
#
_cell.length_a   52.703
_cell.length_b   62.004
_cell.length_c   93.712
_cell.angle_alpha   90.000
_cell.angle_beta   94.990
_cell.angle_gamma   90.000
#
_symmetry.space_group_name_H-M   'P 1 21 1'
#
loop_
_entity.id
_entity.type
_entity.pdbx_description
1 polymer 'Pyridoxal kinase'
2 non-polymer 'PHOSPHOAMINOPHOSPHONIC ACID-ADENYLATE ESTER'
3 non-polymer 3-HYDROXY-5-(HYDROXYMETHYL)-2-METHYLISONICOTINALDEHYDE
4 non-polymer 'MAGNESIUM ION'
5 water water
#
_entity_poly.entity_id   1
_entity_poly.type   'polypeptide(L)'
_entity_poly.pdbx_seq_one_letter_code
;MKKENIISIQSQVFDGFCGNNIAAFVFRRRGHIPKILNTVQYYSKFKHSGVELNSQEVDIILSEYNKDQEFMNDSNIYFL
TGYIKNAECVDMVTKNILELRRKRKIHRGKSNDNGNMNGHMNGHMNGHMNGHMNGHMNGHMNGHMNGHMNGHMNGHMNGH
MNGHTNGHMNGHMNDHMNGHMNGHTNDHMNGHTNDHMNGHTNDHMNGHTNDHMNDHMNGHTNDHMNDHMNDHMNGHTNSH
THGLTNGHMDEPNGEHPYRLMNSNELKSSHQIIPQGKQIHEKDMLKNNILTISQGRKKDEELYFIENIINLNFLWVCDPV
MGDNGRLYVDERVVESYKKAIEYVDIITPNQYETELLCGIKINEEKDVIKCLDVLLHKGVKIVIITSVNYNFDKDHLFLY
VSFFNNKNKIVYFKYKILKIHFNCFGSGDLFSCLLLSFIVKQKGNILHIISKVLNIVQNVIKNSLTGLELNIIENQDIIA
SDGLINDILIKEEPVFF
;
_entity_poly.pdbx_strand_id   A,B
#
# COMPACT_ATOMS: atom_id res chain seq x y z
N MET A 1 -3.15 26.49 8.13
CA MET A 1 -4.19 25.52 7.78
C MET A 1 -3.96 24.20 8.53
N LYS A 2 -5.06 23.59 8.98
CA LYS A 2 -4.98 22.46 9.89
C LYS A 2 -4.36 21.23 9.21
N LYS A 3 -3.84 20.33 10.04
CA LYS A 3 -3.22 19.12 9.54
C LYS A 3 -4.29 18.13 9.11
N GLU A 4 -4.14 17.62 7.89
CA GLU A 4 -5.09 16.65 7.38
C GLU A 4 -4.69 15.27 7.88
N ASN A 5 -5.63 14.54 8.47
CA ASN A 5 -5.46 13.12 8.82
C ASN A 5 -6.51 12.27 8.11
N ILE A 6 -6.07 11.41 7.21
CA ILE A 6 -6.91 10.44 6.53
C ILE A 6 -6.53 9.05 7.04
N ILE A 7 -7.52 8.27 7.46
CA ILE A 7 -7.31 6.94 8.02
C ILE A 7 -8.18 5.97 7.22
N SER A 8 -7.54 5.08 6.47
CA SER A 8 -8.23 4.14 5.59
C SER A 8 -8.23 2.74 6.23
N ILE A 9 -9.40 2.31 6.71
CA ILE A 9 -9.55 1.02 7.38
C ILE A 9 -10.24 0.10 6.39
N GLN A 10 -9.46 -0.73 5.70
CA GLN A 10 -9.95 -1.57 4.63
C GLN A 10 -9.11 -2.84 4.59
N SER A 11 -9.40 -3.69 3.62
CA SER A 11 -8.61 -4.89 3.31
C SER A 11 -7.34 -4.59 2.52
N GLN A 12 -6.45 -5.59 2.50
CA GLN A 12 -5.19 -5.63 1.78
C GLN A 12 -5.06 -6.97 1.04
N VAL A 13 -4.66 -6.95 -0.23
CA VAL A 13 -4.52 -8.24 -0.90
C VAL A 13 -3.10 -8.40 -1.44
N PHE A 14 -2.61 -9.64 -1.44
CA PHE A 14 -1.33 -9.96 -2.08
C PHE A 14 -1.35 -9.60 -3.55
N ASP A 15 -2.38 -10.04 -4.28
CA ASP A 15 -2.48 -9.78 -5.70
C ASP A 15 -3.83 -9.15 -6.04
N GLY A 16 -3.79 -8.11 -6.89
CA GLY A 16 -4.99 -7.47 -7.42
C GLY A 16 -5.29 -6.16 -6.70
N PHE A 17 -6.40 -5.55 -7.08
CA PHE A 17 -6.75 -4.20 -6.62
C PHE A 17 -8.14 -4.26 -5.99
N CYS A 18 -8.16 -4.11 -4.68
CA CYS A 18 -9.37 -3.90 -3.93
C CYS A 18 -8.94 -3.30 -2.61
N GLY A 19 -9.91 -2.71 -1.90
CA GLY A 19 -9.64 -2.13 -0.60
C GLY A 19 -8.41 -1.25 -0.59
N ASN A 20 -7.55 -1.46 0.41
CA ASN A 20 -6.45 -0.52 0.61
C ASN A 20 -5.36 -0.63 -0.45
N ASN A 21 -5.32 -1.67 -1.30
CA ASN A 21 -4.38 -1.61 -2.42
C ASN A 21 -4.75 -0.49 -3.38
N ILE A 22 -6.06 -0.24 -3.51
CA ILE A 22 -6.57 0.91 -4.23
C ILE A 22 -6.36 2.19 -3.42
N ALA A 23 -6.88 2.23 -2.19
CA ALA A 23 -7.06 3.52 -1.54
C ALA A 23 -5.73 4.14 -1.11
N ALA A 24 -4.83 3.35 -0.54
CA ALA A 24 -3.49 3.86 -0.18
C ALA A 24 -2.81 4.53 -1.38
N PHE A 25 -2.80 3.88 -2.55
CA PHE A 25 -2.12 4.43 -3.73
C PHE A 25 -2.84 5.65 -4.25
N VAL A 26 -4.16 5.54 -4.46
CA VAL A 26 -4.99 6.67 -4.84
C VAL A 26 -4.71 7.86 -3.92
N PHE A 27 -4.83 7.64 -2.61
CA PHE A 27 -4.52 8.72 -1.67
C PHE A 27 -3.10 9.25 -1.85
N ARG A 28 -2.10 8.36 -1.81
CA ARG A 28 -0.70 8.79 -1.94
C ARG A 28 -0.44 9.49 -3.26
N ARG A 29 -0.90 8.90 -4.36
CA ARG A 29 -0.65 9.49 -5.68
C ARG A 29 -1.27 10.87 -5.82
N ARG A 30 -2.33 11.15 -5.07
CA ARG A 30 -2.95 12.46 -5.04
C ARG A 30 -2.35 13.36 -3.94
N GLY A 31 -1.19 12.98 -3.40
CA GLY A 31 -0.45 13.79 -2.45
C GLY A 31 -0.95 13.79 -1.02
N HIS A 32 -1.90 12.91 -0.66
CA HIS A 32 -2.21 12.73 0.75
C HIS A 32 -1.21 11.75 1.38
N ILE A 33 -1.26 11.64 2.71
CA ILE A 33 -0.41 10.72 3.48
C ILE A 33 -1.30 9.84 4.39
N PRO A 34 -2.10 8.94 3.83
CA PRO A 34 -3.05 8.21 4.68
C PRO A 34 -2.32 7.39 5.74
N LYS A 35 -2.85 7.42 6.95
CA LYS A 35 -2.70 6.27 7.83
C LYS A 35 -3.49 5.10 7.24
N ILE A 36 -3.01 3.88 7.50
CA ILE A 36 -3.46 2.68 6.81
C ILE A 36 -3.59 1.54 7.83
N LEU A 37 -4.79 0.95 7.95
CA LEU A 37 -5.01 -0.22 8.82
C LEU A 37 -5.66 -1.30 7.96
N ASN A 38 -4.88 -2.32 7.63
CA ASN A 38 -5.40 -3.43 6.84
C ASN A 38 -6.13 -4.42 7.75
N THR A 39 -7.41 -4.64 7.47
CA THR A 39 -8.27 -5.43 8.33
C THR A 39 -8.08 -6.90 8.08
N VAL A 40 -7.64 -7.23 6.88
CA VAL A 40 -7.34 -8.60 6.49
C VAL A 40 -6.15 -8.52 5.57
N GLN A 41 -5.46 -9.64 5.46
CA GLN A 41 -4.43 -9.78 4.42
C GLN A 41 -4.80 -11.06 3.71
N TYR A 42 -5.36 -10.93 2.51
CA TYR A 42 -5.78 -12.09 1.74
C TYR A 42 -4.90 -12.22 0.51
N TYR A 43 -4.81 -13.44 -0.02
CA TYR A 43 -4.09 -13.64 -1.29
C TYR A 43 -4.69 -12.77 -2.40
N SER A 44 -6.00 -12.84 -2.60
CA SER A 44 -6.69 -12.08 -3.64
C SER A 44 -8.15 -11.94 -3.27
N LYS A 45 -8.87 -11.07 -4.00
CA LYS A 45 -10.29 -10.89 -3.73
C LYS A 45 -11.05 -12.20 -3.82
N PHE A 46 -10.61 -13.12 -4.68
CA PHE A 46 -11.28 -14.39 -4.88
C PHE A 46 -10.75 -15.52 -3.99
N LYS A 47 -9.59 -15.35 -3.36
CA LYS A 47 -9.00 -16.40 -2.51
C LYS A 47 -8.74 -15.76 -1.15
N HIS A 48 -9.74 -15.85 -0.26
CA HIS A 48 -9.66 -15.37 1.10
C HIS A 48 -8.81 -16.29 2.00
N SER A 49 -7.65 -16.69 1.48
CA SER A 49 -6.58 -17.32 2.23
C SER A 49 -5.67 -16.26 2.83
N GLY A 50 -5.32 -16.42 4.09
CA GLY A 50 -4.54 -15.41 4.77
C GLY A 50 -4.98 -15.15 6.19
N VAL A 51 -4.79 -13.92 6.66
CA VAL A 51 -5.00 -13.61 8.06
C VAL A 51 -5.99 -12.47 8.18
N GLU A 52 -6.69 -12.46 9.31
CA GLU A 52 -7.70 -11.46 9.58
C GLU A 52 -7.40 -10.92 10.96
N LEU A 53 -7.36 -9.59 11.11
CA LEU A 53 -7.19 -9.05 12.45
C LEU A 53 -8.41 -9.36 13.31
N ASN A 54 -8.18 -9.71 14.57
CA ASN A 54 -9.30 -9.77 15.48
C ASN A 54 -9.53 -8.38 16.06
N SER A 55 -10.58 -8.25 16.86
CA SER A 55 -11.01 -6.94 17.32
C SER A 55 -10.06 -6.34 18.35
N GLN A 56 -9.31 -7.17 19.09
CA GLN A 56 -8.29 -6.66 20.00
C GLN A 56 -7.13 -6.04 19.24
N GLU A 57 -6.73 -6.67 18.12
CA GLU A 57 -5.65 -6.15 17.28
C GLU A 57 -6.06 -4.89 16.52
N VAL A 58 -7.34 -4.77 16.16
CA VAL A 58 -7.86 -3.52 15.60
C VAL A 58 -7.81 -2.41 16.65
N ASP A 59 -8.16 -2.77 17.88
CA ASP A 59 -8.19 -1.84 19.00
C ASP A 59 -6.79 -1.43 19.42
N ILE A 60 -5.79 -2.28 19.19
CA ILE A 60 -4.41 -1.91 19.50
C ILE A 60 -3.98 -0.74 18.62
N ILE A 61 -4.25 -0.86 17.31
CA ILE A 61 -3.81 0.18 16.38
C ILE A 61 -4.56 1.47 16.63
N LEU A 62 -5.89 1.43 16.58
CA LEU A 62 -6.70 2.63 16.63
C LEU A 62 -6.63 3.32 17.98
N SER A 63 -6.54 2.55 19.08
CA SER A 63 -6.42 3.17 20.40
C SER A 63 -5.08 3.87 20.58
N GLU A 64 -4.02 3.34 19.96
CA GLU A 64 -2.75 4.07 19.92
C GLU A 64 -2.91 5.35 19.11
N TYR A 65 -3.69 5.31 18.03
CA TYR A 65 -3.94 6.53 17.28
C TYR A 65 -4.72 7.55 18.10
N ASN A 66 -5.75 7.10 18.83
CA ASN A 66 -6.54 8.03 19.64
C ASN A 66 -5.69 8.71 20.71
N LYS A 67 -4.69 8.01 21.25
CA LYS A 67 -3.85 8.60 22.28
C LYS A 67 -3.05 9.76 21.74
N ASP A 68 -2.51 9.63 20.54
CA ASP A 68 -1.69 10.65 19.89
C ASP A 68 -2.50 11.84 19.35
N GLN A 69 -3.83 11.89 19.52
CA GLN A 69 -4.60 13.07 19.18
C GLN A 69 -5.34 13.71 20.35
N GLU A 70 -5.33 13.09 21.53
CA GLU A 70 -6.02 13.69 22.69
C GLU A 70 -5.24 14.89 23.21
N ASN A 73 -6.80 18.16 18.93
CA ASN A 73 -5.65 19.05 18.80
C ASN A 73 -5.95 20.16 17.78
N ASP A 74 -5.10 20.25 16.75
CA ASP A 74 -5.33 21.17 15.63
C ASP A 74 -5.12 20.37 14.33
N SER A 75 -6.12 19.58 13.98
CA SER A 75 -6.01 18.74 12.78
C SER A 75 -7.40 18.22 12.43
N ASN A 76 -7.67 18.11 11.14
CA ASN A 76 -8.92 17.52 10.68
C ASN A 76 -8.73 16.02 10.51
N ILE A 77 -9.76 15.26 10.87
CA ILE A 77 -9.69 13.80 10.97
C ILE A 77 -10.73 13.18 10.07
N TYR A 78 -10.28 12.39 9.10
CA TYR A 78 -11.16 11.81 8.08
C TYR A 78 -10.99 10.29 8.08
N PHE A 79 -11.98 9.58 8.62
CA PHE A 79 -12.01 8.14 8.53
C PHE A 79 -12.70 7.69 7.25
N LEU A 80 -12.10 6.70 6.58
CA LEU A 80 -12.71 5.98 5.47
C LEU A 80 -12.65 4.50 5.84
N THR A 81 -13.81 3.87 6.05
CA THR A 81 -13.83 2.45 6.36
C THR A 81 -14.44 1.67 5.20
N GLY A 82 -13.89 0.48 4.94
CA GLY A 82 -14.35 -0.38 3.87
C GLY A 82 -14.52 -1.83 4.30
N TYR A 83 -13.88 -2.75 3.57
CA TYR A 83 -14.04 -4.17 3.85
C TYR A 83 -13.61 -4.50 5.28
N ILE A 84 -14.55 -5.04 6.06
CA ILE A 84 -14.27 -5.54 7.40
C ILE A 84 -15.06 -6.85 7.55
N LYS A 85 -14.37 -7.98 7.70
CA LYS A 85 -15.08 -9.25 7.64
C LYS A 85 -15.86 -9.55 8.92
N ASN A 86 -15.46 -8.97 10.04
CA ASN A 86 -15.86 -9.48 11.34
C ASN A 86 -16.71 -8.44 12.06
N ALA A 87 -17.83 -8.88 12.64
CA ALA A 87 -18.76 -7.93 13.24
C ALA A 87 -18.10 -7.20 14.41
N GLU A 88 -17.44 -7.94 15.30
CA GLU A 88 -16.76 -7.33 16.43
C GLU A 88 -15.65 -6.37 15.99
N CYS A 89 -14.97 -6.65 14.89
CA CYS A 89 -14.04 -5.66 14.35
C CYS A 89 -14.77 -4.41 13.87
N VAL A 90 -15.96 -4.58 13.26
CA VAL A 90 -16.75 -3.42 12.83
C VAL A 90 -17.17 -2.59 14.04
N ASP A 91 -17.60 -3.25 15.14
CA ASP A 91 -17.99 -2.53 16.34
C ASP A 91 -16.81 -1.82 16.99
N MET A 92 -15.61 -2.41 16.90
CA MET A 92 -14.43 -1.83 17.51
C MET A 92 -13.96 -0.61 16.73
N VAL A 93 -14.12 -0.65 15.41
CA VAL A 93 -13.89 0.54 14.59
C VAL A 93 -14.87 1.63 14.99
N THR A 94 -16.15 1.26 15.11
CA THR A 94 -17.19 2.21 15.51
C THR A 94 -16.87 2.82 16.87
N LYS A 95 -16.59 1.96 17.86
CA LYS A 95 -16.24 2.41 19.20
C LYS A 95 -15.08 3.39 19.19
N ASN A 96 -14.05 3.10 18.40
CA ASN A 96 -12.88 3.98 18.38
C ASN A 96 -13.16 5.29 17.65
N ILE A 97 -13.85 5.24 16.50
CA ILE A 97 -14.21 6.49 15.83
C ILE A 97 -15.05 7.35 16.76
N LEU A 98 -15.91 6.73 17.57
CA LEU A 98 -16.76 7.48 18.47
C LEU A 98 -15.96 8.05 19.63
N GLU A 99 -15.02 7.25 20.17
CA GLU A 99 -14.12 7.78 21.19
C GLU A 99 -13.47 9.07 20.70
N LEU A 100 -12.98 9.05 19.45
CA LEU A 100 -12.38 10.25 18.89
C LEU A 100 -13.41 11.38 18.76
N ARG A 101 -14.67 11.04 18.42
CA ARG A 101 -15.74 12.02 18.48
C ARG A 101 -16.01 12.47 19.92
N ARG A 102 -15.96 11.54 20.88
CA ARG A 102 -16.26 11.86 22.27
C ARG A 102 -15.18 12.75 22.86
N LYS A 103 -13.92 12.45 22.53
CA LYS A 103 -12.76 13.18 23.03
C LYS A 103 -12.63 14.57 22.42
N ARG A 104 -13.47 14.94 21.47
CA ARG A 104 -13.42 16.30 20.96
C ARG A 104 -14.82 16.89 20.81
N LYS A 105 -15.76 16.41 21.63
CA LYS A 105 -17.08 17.02 21.80
C LYS A 105 -17.78 17.22 20.45
N ILE A 106 -17.57 16.27 19.54
CA ILE A 106 -18.09 16.34 18.18
C ILE A 106 -19.55 15.89 18.20
N HIS A 107 -20.44 16.77 17.74
CA HIS A 107 -21.88 16.50 17.63
C HIS A 107 -22.49 16.42 19.04
N TYR A 303 -24.95 23.91 -2.62
CA TYR A 303 -24.65 22.52 -2.37
C TYR A 303 -23.19 22.32 -1.95
N PHE A 304 -22.60 23.38 -1.39
CA PHE A 304 -21.21 23.30 -0.99
C PHE A 304 -21.04 22.27 0.13
N ILE A 305 -20.03 21.41 -0.05
CA ILE A 305 -19.85 20.31 0.87
C ILE A 305 -19.50 20.81 2.28
N GLU A 306 -18.81 21.97 2.36
CA GLU A 306 -18.44 22.58 3.64
C GLU A 306 -19.64 22.89 4.51
N ASN A 307 -20.79 23.16 3.91
CA ASN A 307 -22.01 23.49 4.64
C ASN A 307 -22.91 22.28 4.83
N ILE A 308 -22.61 21.17 4.16
CA ILE A 308 -23.40 19.96 4.35
C ILE A 308 -22.79 19.07 5.43
N ILE A 309 -21.47 18.93 5.45
CA ILE A 309 -20.80 18.08 6.43
C ILE A 309 -19.82 18.93 7.22
N ASN A 310 -19.14 18.29 8.19
CA ASN A 310 -18.18 18.95 9.08
C ASN A 310 -16.78 18.51 8.70
N LEU A 311 -16.06 19.40 8.03
CA LEU A 311 -14.71 19.06 7.56
C LEU A 311 -13.68 19.03 8.68
N ASN A 312 -14.10 19.27 9.93
CA ASN A 312 -13.24 18.96 11.06
C ASN A 312 -13.16 17.46 11.31
N PHE A 313 -14.25 16.74 11.10
CA PHE A 313 -14.27 15.32 11.43
C PHE A 313 -15.33 14.63 10.57
N LEU A 314 -14.90 13.67 9.76
CA LEU A 314 -15.77 12.89 8.90
C LEU A 314 -15.60 11.41 9.18
N TRP A 315 -16.70 10.66 9.14
CA TRP A 315 -16.63 9.21 8.97
C TRP A 315 -17.30 8.90 7.66
N VAL A 316 -16.50 8.51 6.66
CA VAL A 316 -17.02 8.06 5.37
C VAL A 316 -17.04 6.53 5.42
N CYS A 317 -18.23 5.96 5.58
CA CYS A 317 -18.37 4.53 5.80
C CYS A 317 -18.83 3.90 4.52
N ASP A 318 -17.96 3.10 3.90
CA ASP A 318 -18.31 2.33 2.70
C ASP A 318 -18.60 0.92 3.20
N PRO A 319 -19.86 0.61 3.51
CA PRO A 319 -20.18 -0.61 4.29
C PRO A 319 -20.20 -1.86 3.41
N VAL A 320 -19.01 -2.36 3.07
CA VAL A 320 -18.87 -3.46 2.13
C VAL A 320 -19.48 -4.71 2.75
N MET A 321 -20.50 -5.28 2.10
CA MET A 321 -21.18 -6.46 2.62
C MET A 321 -21.53 -7.48 1.57
N GLY A 322 -21.68 -7.08 0.31
CA GLY A 322 -22.18 -8.00 -0.68
C GLY A 322 -22.55 -7.28 -1.94
N ASP A 323 -23.00 -8.08 -2.91
CA ASP A 323 -23.37 -7.55 -4.22
C ASP A 323 -24.12 -8.63 -4.95
N ASN A 324 -24.83 -8.21 -6.01
CA ASN A 324 -25.58 -9.09 -6.90
C ASN A 324 -26.26 -10.23 -6.16
N GLY A 325 -27.09 -9.85 -5.17
CA GLY A 325 -27.93 -10.78 -4.46
C GLY A 325 -27.26 -11.64 -3.41
N ARG A 326 -25.95 -11.60 -3.29
CA ARG A 326 -25.22 -12.47 -2.38
C ARG A 326 -24.48 -11.64 -1.34
N LEU A 327 -24.17 -12.29 -0.21
CA LEU A 327 -23.51 -11.67 0.93
C LEU A 327 -22.12 -12.26 1.14
N TYR A 328 -21.13 -11.42 1.47
CA TYR A 328 -19.72 -11.81 1.55
C TYR A 328 -19.06 -11.50 2.89
N VAL A 329 -19.84 -11.36 3.96
CA VAL A 329 -19.30 -11.02 5.28
C VAL A 329 -20.01 -11.86 6.33
N ASP A 330 -19.59 -11.72 7.59
CA ASP A 330 -19.95 -12.63 8.67
C ASP A 330 -21.46 -12.70 9.00
N GLU A 331 -22.30 -11.97 8.26
CA GLU A 331 -23.75 -11.97 8.45
C GLU A 331 -24.19 -11.19 9.69
N ARG A 332 -23.46 -11.32 10.80
CA ARG A 332 -23.62 -10.37 11.89
C ARG A 332 -23.07 -8.99 11.55
N VAL A 333 -22.26 -8.89 10.49
CA VAL A 333 -21.73 -7.61 10.07
C VAL A 333 -22.85 -6.69 9.59
N VAL A 334 -23.94 -7.25 9.04
CA VAL A 334 -25.07 -6.43 8.62
C VAL A 334 -25.66 -5.69 9.82
N GLU A 335 -25.88 -6.42 10.91
CA GLU A 335 -26.34 -5.78 12.14
C GLU A 335 -25.36 -4.73 12.62
N SER A 336 -24.06 -4.98 12.45
CA SER A 336 -23.06 -4.08 13.01
C SER A 336 -23.01 -2.77 12.25
N TYR A 337 -23.20 -2.81 10.93
CA TYR A 337 -23.31 -1.58 10.16
C TYR A 337 -24.62 -0.85 10.44
N LYS A 338 -25.70 -1.58 10.80
CA LYS A 338 -26.93 -0.86 11.15
C LYS A 338 -26.76 -0.10 12.46
N LYS A 339 -26.00 -0.66 13.39
CA LYS A 339 -25.64 0.06 14.61
C LYS A 339 -24.89 1.34 14.30
N ALA A 340 -24.14 1.34 13.22
CA ALA A 340 -23.23 2.43 12.91
C ALA A 340 -23.89 3.55 12.11
N ILE A 341 -25.04 3.28 11.47
CA ILE A 341 -25.61 4.23 10.51
C ILE A 341 -25.71 5.63 11.14
N GLU A 342 -26.33 5.72 12.31
CA GLU A 342 -26.56 7.00 12.98
C GLU A 342 -25.27 7.79 13.22
N TYR A 343 -24.14 7.11 13.28
CA TYR A 343 -22.86 7.73 13.59
C TYR A 343 -22.09 8.17 12.37
N VAL A 344 -22.58 7.84 11.19
CA VAL A 344 -21.83 7.96 9.94
C VAL A 344 -22.19 9.27 9.26
N ASP A 345 -21.18 9.94 8.71
CA ASP A 345 -21.42 11.21 8.01
C ASP A 345 -21.80 10.99 6.56
N ILE A 346 -21.05 10.15 5.86
CA ILE A 346 -21.30 9.83 4.46
C ILE A 346 -21.21 8.32 4.30
N ILE A 347 -22.25 7.72 3.70
CA ILE A 347 -22.34 6.27 3.56
C ILE A 347 -22.59 5.97 2.10
N THR A 348 -21.84 5.00 1.55
CA THR A 348 -21.80 4.75 0.10
C THR A 348 -22.06 3.29 -0.25
N PRO A 349 -23.21 2.74 0.13
CA PRO A 349 -23.52 1.38 -0.29
C PRO A 349 -23.86 1.26 -1.77
N ASN A 350 -23.63 0.07 -2.31
CA ASN A 350 -24.25 -0.31 -3.57
C ASN A 350 -25.72 -0.66 -3.29
N GLN A 351 -26.41 -1.16 -4.31
CA GLN A 351 -27.85 -1.38 -4.19
C GLN A 351 -28.14 -2.43 -3.14
N TYR A 352 -27.48 -3.58 -3.26
CA TYR A 352 -27.72 -4.67 -2.31
C TYR A 352 -27.43 -4.23 -0.89
N GLU A 353 -26.34 -3.46 -0.66
CA GLU A 353 -26.05 -3.09 0.72
C GLU A 353 -27.09 -2.10 1.23
N THR A 354 -27.56 -1.17 0.38
CA THR A 354 -28.70 -0.35 0.73
C THR A 354 -29.87 -1.22 1.21
N GLU A 355 -30.21 -2.26 0.44
CA GLU A 355 -31.35 -3.11 0.77
C GLU A 355 -31.16 -3.79 2.12
N LEU A 356 -29.95 -4.25 2.41
CA LEU A 356 -29.61 -4.88 3.68
C LEU A 356 -29.80 -3.94 4.86
N LEU A 357 -29.35 -2.69 4.71
CA LEU A 357 -29.38 -1.72 5.80
C LEU A 357 -30.80 -1.20 6.05
N CYS A 358 -31.64 -1.19 5.02
CA CYS A 358 -32.98 -0.63 5.13
C CYS A 358 -34.06 -1.69 5.30
N GLY A 359 -33.75 -2.95 5.00
CA GLY A 359 -34.73 -4.00 5.10
C GLY A 359 -35.74 -4.05 3.99
N ILE A 360 -35.55 -3.30 2.90
CA ILE A 360 -36.46 -3.34 1.76
C ILE A 360 -35.68 -3.59 0.48
N LYS A 361 -36.30 -4.37 -0.43
CA LYS A 361 -35.73 -4.58 -1.76
C LYS A 361 -36.06 -3.41 -2.68
N ILE A 362 -35.09 -3.00 -3.49
CA ILE A 362 -35.27 -1.93 -4.45
C ILE A 362 -35.64 -2.54 -5.79
N ASN A 363 -36.85 -2.24 -6.27
CA ASN A 363 -37.27 -2.64 -7.61
C ASN A 363 -37.60 -1.46 -8.49
N GLU A 364 -37.92 -0.30 -7.91
CA GLU A 364 -38.29 0.87 -8.67
C GLU A 364 -37.65 2.07 -8.00
N GLU A 365 -37.76 3.23 -8.65
CA GLU A 365 -37.12 4.43 -8.14
C GLU A 365 -37.71 4.83 -6.79
N LYS A 366 -39.03 4.69 -6.64
CA LYS A 366 -39.68 5.00 -5.36
C LYS A 366 -39.02 4.24 -4.22
N ASP A 367 -38.52 3.03 -4.48
CA ASP A 367 -37.80 2.28 -3.44
C ASP A 367 -36.44 2.89 -3.14
N VAL A 368 -35.79 3.47 -4.14
CA VAL A 368 -34.53 4.17 -3.90
C VAL A 368 -34.78 5.37 -2.98
N ILE A 369 -35.89 6.07 -3.23
CA ILE A 369 -36.22 7.26 -2.45
C ILE A 369 -36.57 6.89 -1.02
N LYS A 370 -37.36 5.82 -0.83
CA LYS A 370 -37.61 5.36 0.53
C LYS A 370 -36.30 5.04 1.25
N CYS A 371 -35.35 4.43 0.55
CA CYS A 371 -34.08 4.06 1.15
C CYS A 371 -33.24 5.30 1.49
N LEU A 372 -33.15 6.24 0.56
CA LEU A 372 -32.47 7.50 0.84
C LEU A 372 -33.12 8.22 2.01
N ASP A 373 -34.45 8.24 2.03
CA ASP A 373 -35.16 8.90 3.13
C ASP A 373 -34.85 8.23 4.46
N VAL A 374 -34.86 6.90 4.49
CA VAL A 374 -34.61 6.20 5.76
C VAL A 374 -33.23 6.52 6.30
N LEU A 375 -32.19 6.29 5.50
CA LEU A 375 -30.81 6.46 5.97
C LEU A 375 -30.54 7.89 6.39
N LEU A 376 -31.03 8.87 5.63
CA LEU A 376 -30.85 10.26 5.98
C LEU A 376 -31.52 10.58 7.31
N HIS A 377 -32.74 10.06 7.51
CA HIS A 377 -33.45 10.34 8.74
C HIS A 377 -32.89 9.55 9.91
N LYS A 378 -32.05 8.54 9.67
CA LYS A 378 -31.34 7.95 10.79
C LYS A 378 -30.13 8.78 11.22
N GLY A 379 -29.76 9.82 10.47
CA GLY A 379 -28.72 10.75 10.89
C GLY A 379 -27.50 10.84 9.96
N VAL A 380 -27.41 10.05 8.88
CA VAL A 380 -26.34 10.23 7.90
C VAL A 380 -26.49 11.60 7.23
N LYS A 381 -25.36 12.26 6.98
CA LYS A 381 -25.45 13.57 6.33
C LYS A 381 -25.57 13.46 4.82
N ILE A 382 -24.79 12.57 4.18
CA ILE A 382 -24.90 12.36 2.74
C ILE A 382 -25.00 10.88 2.46
N VAL A 383 -26.07 10.46 1.77
CA VAL A 383 -26.23 9.07 1.34
C VAL A 383 -25.92 8.96 -0.13
N ILE A 384 -25.09 8.00 -0.49
CA ILE A 384 -24.78 7.76 -1.89
C ILE A 384 -25.03 6.30 -2.17
N ILE A 385 -26.03 6.00 -3.00
CA ILE A 385 -26.22 4.64 -3.49
C ILE A 385 -25.48 4.54 -4.82
N THR A 386 -24.38 3.76 -4.84
CA THR A 386 -23.39 3.89 -5.92
C THR A 386 -23.87 3.29 -7.22
N SER A 387 -24.70 2.25 -7.17
CA SER A 387 -25.32 1.79 -8.38
C SER A 387 -26.64 1.11 -8.06
N VAL A 388 -27.64 1.32 -8.92
CA VAL A 388 -28.87 0.55 -8.87
C VAL A 388 -29.11 0.00 -10.28
N ASN A 389 -29.47 -1.27 -10.35
CA ASN A 389 -29.75 -1.97 -11.60
C ASN A 389 -31.24 -2.24 -11.62
N TYR A 390 -31.96 -1.55 -12.52
CA TYR A 390 -33.39 -1.75 -12.69
C TYR A 390 -33.65 -2.82 -13.75
N ASN A 391 -34.64 -3.66 -13.47
CA ASN A 391 -34.99 -4.74 -14.38
C ASN A 391 -35.58 -4.18 -15.66
N PHE A 392 -35.72 -2.86 -15.76
CA PHE A 392 -36.36 -2.25 -16.91
C PHE A 392 -35.46 -1.30 -17.68
N ASP A 393 -34.19 -1.15 -17.29
CA ASP A 393 -33.22 -0.28 -17.95
C ASP A 393 -31.88 -1.04 -17.91
N LYS A 394 -31.80 -2.13 -18.66
CA LYS A 394 -30.68 -3.04 -18.52
C LYS A 394 -29.36 -2.43 -18.97
N ASP A 395 -29.39 -1.37 -19.79
CA ASP A 395 -28.16 -0.80 -20.33
C ASP A 395 -27.54 0.27 -19.46
N HIS A 396 -28.19 0.67 -18.37
CA HIS A 396 -27.66 1.76 -17.55
C HIS A 396 -27.61 1.38 -16.09
N LEU A 397 -26.68 2.04 -15.40
CA LEU A 397 -26.57 2.08 -13.95
C LEU A 397 -26.96 3.47 -13.48
N PHE A 398 -27.60 3.54 -12.33
CA PHE A 398 -27.93 4.83 -11.73
C PHE A 398 -27.24 4.96 -10.40
N LEU A 399 -26.56 6.10 -10.20
CA LEU A 399 -26.09 6.51 -8.89
C LEU A 399 -26.99 7.62 -8.36
N TYR A 400 -27.33 7.51 -7.08
CA TYR A 400 -28.16 8.49 -6.39
C TYR A 400 -27.38 9.12 -5.24
N VAL A 401 -27.62 10.40 -5.04
CA VAL A 401 -27.06 11.13 -3.92
C VAL A 401 -28.20 11.88 -3.27
N SER A 402 -28.21 11.93 -1.94
CA SER A 402 -29.25 12.65 -1.25
C SER A 402 -28.64 13.30 -0.02
N PHE A 403 -29.27 14.38 0.43
CA PHE A 403 -28.80 15.13 1.58
C PHE A 403 -29.79 16.23 1.83
N PHE A 404 -29.62 16.92 2.96
CA PHE A 404 -30.31 18.17 3.25
C PHE A 404 -29.44 19.30 2.74
N ASN A 405 -30.04 20.24 2.02
CA ASN A 405 -29.31 21.40 1.50
C ASN A 405 -29.18 22.46 2.58
N ASN A 406 -28.69 23.66 2.24
CA ASN A 406 -28.51 24.72 3.22
C ASN A 406 -29.83 25.28 3.76
N LYS A 407 -30.98 24.74 3.31
CA LYS A 407 -32.29 25.21 3.77
C LYS A 407 -33.07 24.08 4.46
N ASN A 408 -32.40 23.00 4.85
CA ASN A 408 -33.02 21.90 5.60
C ASN A 408 -34.19 21.31 4.80
N LYS A 409 -34.04 21.31 3.48
CA LYS A 409 -34.89 20.56 2.57
C LYS A 409 -34.07 19.43 1.97
N ILE A 410 -34.68 18.23 1.88
CA ILE A 410 -34.04 17.07 1.28
C ILE A 410 -34.03 17.22 -0.23
N VAL A 411 -32.92 16.84 -0.86
CA VAL A 411 -32.82 16.84 -2.30
C VAL A 411 -32.29 15.49 -2.76
N TYR A 412 -32.64 15.12 -3.98
CA TYR A 412 -32.26 13.84 -4.53
C TYR A 412 -31.72 14.06 -5.93
N PHE A 413 -30.53 13.56 -6.21
CA PHE A 413 -29.97 13.67 -7.54
C PHE A 413 -29.52 12.30 -8.02
N LYS A 414 -29.57 12.09 -9.33
CA LYS A 414 -29.18 10.84 -9.94
C LYS A 414 -28.22 11.10 -11.09
N TYR A 415 -27.32 10.14 -11.26
CA TYR A 415 -26.34 10.11 -12.34
C TYR A 415 -26.60 8.86 -13.17
N LYS A 416 -26.93 9.06 -14.45
CA LYS A 416 -27.17 7.96 -15.39
C LYS A 416 -25.86 7.56 -16.06
N ILE A 417 -25.43 6.33 -15.82
CA ILE A 417 -24.14 5.82 -16.30
C ILE A 417 -24.41 4.70 -17.30
N LEU A 418 -23.87 4.83 -18.50
CA LEU A 418 -23.96 3.72 -19.43
C LEU A 418 -23.21 2.53 -18.86
N LYS A 419 -23.91 1.41 -18.73
CA LYS A 419 -23.28 0.24 -18.12
C LYS A 419 -22.24 -0.30 -19.09
N ILE A 420 -20.98 -0.18 -18.73
CA ILE A 420 -19.91 -0.83 -19.46
C ILE A 420 -19.84 -2.27 -18.98
N HIS A 421 -19.72 -3.21 -19.92
CA HIS A 421 -19.82 -4.63 -19.61
C HIS A 421 -18.41 -5.22 -19.59
N PHE A 422 -17.81 -5.20 -18.39
CA PHE A 422 -16.43 -5.59 -18.13
C PHE A 422 -16.39 -6.62 -17.01
N ASN A 423 -15.19 -7.11 -16.71
CA ASN A 423 -14.98 -8.21 -15.77
C ASN A 423 -14.06 -7.81 -14.64
N CYS A 424 -14.30 -6.68 -13.98
CA CYS A 424 -13.42 -6.36 -12.88
C CYS A 424 -14.15 -5.53 -11.83
N PHE A 425 -13.76 -5.80 -10.59
CA PHE A 425 -14.39 -5.29 -9.42
C PHE A 425 -13.50 -4.17 -8.86
N GLY A 426 -13.89 -3.61 -7.73
CA GLY A 426 -13.10 -2.60 -7.07
C GLY A 426 -13.40 -1.18 -7.49
N SER A 427 -14.26 -0.98 -8.48
CA SER A 427 -14.63 0.38 -8.82
C SER A 427 -15.37 1.07 -7.68
N GLY A 428 -15.90 0.30 -6.71
CA GLY A 428 -16.55 0.94 -5.60
C GLY A 428 -15.54 1.49 -4.62
N ASP A 429 -14.51 0.69 -4.37
CA ASP A 429 -13.33 1.14 -3.61
C ASP A 429 -12.72 2.39 -4.25
N LEU A 430 -12.48 2.35 -5.56
CA LEU A 430 -11.99 3.52 -6.26
C LEU A 430 -12.91 4.70 -6.02
N PHE A 431 -14.22 4.47 -6.13
CA PHE A 431 -15.15 5.58 -5.98
C PHE A 431 -15.00 6.28 -4.66
N SER A 432 -14.94 5.52 -3.56
CA SER A 432 -15.01 6.07 -2.21
C SER A 432 -13.75 6.80 -1.80
N CYS A 433 -12.56 6.28 -2.16
CA CYS A 433 -11.35 6.99 -1.79
C CYS A 433 -11.22 8.28 -2.61
N LEU A 434 -11.57 8.22 -3.88
CA LEU A 434 -11.58 9.45 -4.69
C LEU A 434 -12.56 10.46 -4.13
N LEU A 435 -13.76 9.99 -3.70
CA LEU A 435 -14.73 10.91 -3.10
C LEU A 435 -14.12 11.66 -1.92
N LEU A 436 -13.59 10.93 -0.93
CA LEU A 436 -12.95 11.60 0.21
C LEU A 436 -11.89 12.61 -0.26
N SER A 437 -11.02 12.20 -1.19
CA SER A 437 -9.91 13.05 -1.59
C SER A 437 -10.40 14.38 -2.15
N PHE A 438 -11.43 14.32 -2.99
CA PHE A 438 -12.00 15.57 -3.54
C PHE A 438 -12.71 16.38 -2.48
N ILE A 439 -13.34 15.71 -1.49
CA ILE A 439 -14.08 16.44 -0.47
C ILE A 439 -13.15 17.28 0.39
N VAL A 440 -11.99 16.74 0.74
CA VAL A 440 -11.15 17.40 1.73
C VAL A 440 -10.13 18.33 1.08
N LYS A 441 -9.80 18.10 -0.19
CA LYS A 441 -8.96 19.03 -0.93
C LYS A 441 -9.80 20.02 -1.73
N GLN A 442 -10.61 19.52 -2.67
CA GLN A 442 -11.31 20.40 -3.59
C GLN A 442 -12.38 21.22 -2.88
N LYS A 443 -13.19 20.57 -2.04
CA LYS A 443 -14.39 21.19 -1.47
C LYS A 443 -15.30 21.68 -2.59
N GLY A 444 -16.24 22.54 -2.25
CA GLY A 444 -17.16 23.05 -3.22
C GLY A 444 -18.38 22.17 -3.40
N ASN A 445 -19.00 22.35 -4.57
CA ASN A 445 -20.26 21.71 -4.92
C ASN A 445 -20.14 20.19 -4.91
N ILE A 446 -20.91 19.54 -4.06
CA ILE A 446 -20.74 18.09 -3.92
C ILE A 446 -21.17 17.38 -5.21
N LEU A 447 -22.23 17.90 -5.86
CA LEU A 447 -22.68 17.30 -7.10
C LEU A 447 -21.62 17.39 -8.19
N HIS A 448 -20.91 18.52 -8.26
CA HIS A 448 -19.72 18.59 -9.09
C HIS A 448 -18.70 17.53 -8.66
N ILE A 449 -18.39 17.47 -7.37
CA ILE A 449 -17.39 16.52 -6.91
C ILE A 449 -17.78 15.10 -7.35
N ILE A 450 -19.08 14.78 -7.35
CA ILE A 450 -19.49 13.42 -7.69
C ILE A 450 -19.35 13.18 -9.18
N SER A 451 -19.56 14.20 -10.01
CA SER A 451 -19.37 14.07 -11.45
C SER A 451 -17.90 13.84 -11.81
N LYS A 452 -17.00 14.57 -11.16
CA LYS A 452 -15.57 14.38 -11.39
C LYS A 452 -15.08 13.00 -10.96
N VAL A 453 -15.44 12.57 -9.76
CA VAL A 453 -15.06 11.22 -9.36
C VAL A 453 -15.52 10.21 -10.41
N LEU A 454 -16.78 10.31 -10.80
CA LEU A 454 -17.39 9.36 -11.72
C LEU A 454 -16.66 9.34 -13.05
N ASN A 455 -16.35 10.52 -13.59
CA ASN A 455 -15.59 10.59 -14.83
C ASN A 455 -14.28 9.83 -14.69
N ILE A 456 -13.54 10.10 -13.62
CA ILE A 456 -12.26 9.42 -13.45
C ILE A 456 -12.46 7.92 -13.39
N VAL A 457 -13.48 7.48 -12.65
CA VAL A 457 -13.74 6.05 -12.52
C VAL A 457 -14.05 5.45 -13.87
N GLN A 458 -14.95 6.11 -14.63
CA GLN A 458 -15.33 5.63 -15.95
C GLN A 458 -14.12 5.53 -16.86
N ASN A 459 -13.22 6.52 -16.79
CA ASN A 459 -12.05 6.46 -17.64
C ASN A 459 -11.13 5.30 -17.26
N VAL A 460 -10.97 5.05 -15.97
CA VAL A 460 -10.16 3.89 -15.58
C VAL A 460 -10.80 2.60 -16.08
N ILE A 461 -12.12 2.47 -15.91
CA ILE A 461 -12.82 1.28 -16.37
C ILE A 461 -12.66 1.11 -17.88
N LYS A 462 -12.69 2.22 -18.61
CA LYS A 462 -12.59 2.14 -20.07
C LYS A 462 -11.22 1.70 -20.54
N ASN A 463 -10.18 1.95 -19.75
CA ASN A 463 -8.85 1.42 -20.04
C ASN A 463 -8.55 0.16 -19.24
N SER A 464 -9.58 -0.49 -18.70
CA SER A 464 -9.40 -1.76 -18.00
C SER A 464 -10.37 -2.82 -18.52
N LEU A 465 -10.94 -2.61 -19.72
CA LEU A 465 -11.78 -3.60 -20.37
C LEU A 465 -11.04 -4.89 -20.64
N THR A 466 -9.72 -4.88 -20.52
CA THR A 466 -8.93 -6.03 -20.91
C THR A 466 -9.10 -7.18 -19.93
N GLY A 467 -8.93 -6.92 -18.63
CA GLY A 467 -8.68 -8.00 -17.70
C GLY A 467 -9.63 -8.15 -16.53
N LEU A 468 -9.08 -8.57 -15.39
CA LEU A 468 -9.87 -8.89 -14.22
C LEU A 468 -9.64 -7.95 -13.04
N GLU A 469 -8.59 -7.13 -13.09
CA GLU A 469 -8.37 -6.08 -12.12
C GLU A 469 -8.47 -4.72 -12.81
N LEU A 470 -8.84 -3.69 -12.05
CA LEU A 470 -8.75 -2.33 -12.57
C LEU A 470 -7.30 -1.98 -12.88
N ASN A 471 -7.08 -1.21 -13.94
CA ASN A 471 -5.73 -0.85 -14.34
C ASN A 471 -5.35 0.48 -13.67
N ILE A 472 -5.19 0.40 -12.35
CA ILE A 472 -4.89 1.57 -11.53
C ILE A 472 -3.56 2.20 -11.95
N ILE A 473 -2.50 1.39 -11.95
CA ILE A 473 -1.15 1.89 -12.22
C ILE A 473 -1.05 2.53 -13.60
N GLU A 474 -1.49 1.80 -14.63
CA GLU A 474 -1.39 2.31 -16.01
C GLU A 474 -2.19 3.59 -16.19
N ASN A 475 -3.28 3.73 -15.44
CA ASN A 475 -4.15 4.90 -15.48
C ASN A 475 -4.03 5.75 -14.23
N GLN A 476 -2.86 5.71 -13.60
CA GLN A 476 -2.63 6.48 -12.38
C GLN A 476 -2.67 7.99 -12.63
N ASP A 477 -2.28 8.44 -13.82
CA ASP A 477 -2.30 9.87 -14.16
C ASP A 477 -3.70 10.45 -14.16
N ILE A 478 -4.63 9.83 -14.89
CA ILE A 478 -6.01 10.31 -14.75
C ILE A 478 -6.45 10.26 -13.29
N ILE A 479 -6.04 9.21 -12.56
CA ILE A 479 -6.42 9.13 -11.16
C ILE A 479 -5.89 10.34 -10.41
N ALA A 480 -4.71 10.81 -10.79
CA ALA A 480 -4.10 11.94 -10.11
C ALA A 480 -4.78 13.28 -10.39
N SER A 481 -5.85 13.32 -11.20
CA SER A 481 -6.33 14.56 -11.79
C SER A 481 -7.25 15.35 -10.84
N ASP A 482 -7.43 16.64 -11.16
CA ASP A 482 -8.39 17.43 -10.36
C ASP A 482 -9.67 17.74 -11.12
N ASP A 487 -13.27 15.66 -18.93
CA ASP A 487 -14.21 15.10 -19.89
C ASP A 487 -15.44 14.59 -19.16
N ILE A 488 -16.41 15.48 -18.96
CA ILE A 488 -17.56 15.18 -18.13
C ILE A 488 -18.63 14.44 -18.93
N LEU A 489 -18.60 13.11 -18.90
CA LEU A 489 -19.61 12.35 -19.62
C LEU A 489 -20.86 12.09 -18.77
N ILE A 490 -20.73 11.97 -17.45
CA ILE A 490 -21.87 11.69 -16.58
C ILE A 490 -22.18 12.94 -15.75
N LYS A 491 -23.43 13.38 -15.77
CA LYS A 491 -23.85 14.60 -15.12
C LYS A 491 -25.13 14.37 -14.34
N GLU A 492 -25.29 15.10 -13.23
CA GLU A 492 -26.46 14.98 -12.39
C GLU A 492 -27.71 15.50 -13.08
N GLU A 493 -28.83 14.87 -12.72
CA GLU A 493 -30.19 15.28 -12.98
C GLU A 493 -30.94 15.21 -11.65
N PRO A 494 -31.90 16.11 -11.41
CA PRO A 494 -32.82 15.91 -10.29
C PRO A 494 -33.70 14.70 -10.54
N VAL A 495 -34.34 14.22 -9.48
CA VAL A 495 -35.32 13.16 -9.61
C VAL A 495 -36.76 13.66 -9.48
N PHE A 496 -36.98 14.87 -8.98
CA PHE A 496 -38.33 15.43 -8.86
C PHE A 496 -38.43 16.79 -9.54
N MET B 1 7.41 -10.18 -24.91
CA MET B 1 7.76 -9.43 -23.71
C MET B 1 7.28 -10.18 -22.46
N LYS B 2 8.19 -10.87 -21.78
CA LYS B 2 7.82 -11.66 -20.61
C LYS B 2 7.18 -10.77 -19.55
N LYS B 3 6.28 -11.35 -18.77
CA LYS B 3 5.47 -10.59 -17.83
C LYS B 3 6.21 -10.35 -16.52
N GLU B 4 6.19 -9.11 -16.06
CA GLU B 4 6.91 -8.72 -14.85
C GLU B 4 6.13 -9.11 -13.60
N ASN B 5 6.80 -9.78 -12.67
CA ASN B 5 6.25 -10.09 -11.36
C ASN B 5 7.22 -9.60 -10.31
N ILE B 6 6.80 -8.61 -9.52
CA ILE B 6 7.60 -8.16 -8.37
C ILE B 6 6.80 -8.49 -7.13
N ILE B 7 7.43 -9.20 -6.20
CA ILE B 7 6.84 -9.60 -4.94
C ILE B 7 7.66 -8.95 -3.85
N SER B 8 7.04 -8.12 -3.03
CA SER B 8 7.74 -7.37 -2.00
C SER B 8 7.22 -7.80 -0.64
N ILE B 9 8.08 -8.42 0.14
CA ILE B 9 7.73 -9.06 1.41
C ILE B 9 8.44 -8.28 2.53
N GLN B 10 7.72 -7.39 3.21
CA GLN B 10 8.35 -6.44 4.14
C GLN B 10 7.32 -6.02 5.18
N SER B 11 7.74 -5.14 6.09
CA SER B 11 6.88 -4.55 7.11
C SER B 11 5.85 -3.58 6.51
N GLN B 12 4.77 -3.35 7.26
CA GLN B 12 3.79 -2.31 6.99
C GLN B 12 3.49 -1.58 8.30
N VAL B 13 3.25 -0.27 8.22
CA VAL B 13 2.98 0.49 9.43
C VAL B 13 1.75 1.37 9.24
N PHE B 14 1.02 1.57 10.33
CA PHE B 14 -0.16 2.42 10.29
C PHE B 14 0.25 3.86 10.01
N ASP B 15 1.28 4.35 10.69
CA ASP B 15 1.77 5.71 10.62
C ASP B 15 3.25 5.68 10.26
N GLY B 16 3.62 6.36 9.17
CA GLY B 16 5.02 6.60 8.80
C GLY B 16 5.40 5.91 7.50
N PHE B 17 6.70 5.87 7.23
CA PHE B 17 7.19 5.32 5.97
C PHE B 17 8.37 4.38 6.24
N CYS B 18 8.14 3.09 6.05
CA CYS B 18 9.19 2.09 6.11
C CYS B 18 8.61 0.80 5.54
N GLY B 19 9.49 -0.18 5.32
CA GLY B 19 9.17 -1.37 4.57
C GLY B 19 8.27 -1.10 3.38
N ASN B 20 7.14 -1.78 3.39
CA ASN B 20 6.26 -1.74 2.22
C ASN B 20 5.49 -0.44 2.09
N ASN B 21 5.47 0.44 3.10
CA ASN B 21 4.87 1.76 2.94
C ASN B 21 5.70 2.62 1.97
N ILE B 22 7.02 2.46 2.02
CA ILE B 22 7.87 3.03 0.98
C ILE B 22 7.74 2.22 -0.30
N ALA B 23 8.03 0.92 -0.21
CA ALA B 23 8.28 0.11 -1.42
C ALA B 23 7.01 -0.08 -2.25
N ALA B 24 5.85 -0.30 -1.63
CA ALA B 24 4.65 -0.51 -2.44
C ALA B 24 4.37 0.72 -3.29
N PHE B 25 4.52 1.91 -2.70
CA PHE B 25 4.22 3.14 -3.41
C PHE B 25 5.31 3.52 -4.43
N VAL B 26 6.57 3.35 -4.09
CA VAL B 26 7.64 3.62 -5.04
C VAL B 26 7.47 2.73 -6.27
N PHE B 27 7.18 1.46 -6.04
CA PHE B 27 7.00 0.53 -7.14
C PHE B 27 5.85 0.98 -8.02
N ARG B 28 4.65 1.07 -7.43
CA ARG B 28 3.47 1.47 -8.16
C ARG B 28 3.68 2.81 -8.86
N ARG B 29 4.28 3.78 -8.16
CA ARG B 29 4.47 5.12 -8.73
C ARG B 29 5.33 5.07 -9.99
N ARG B 30 6.26 4.12 -10.05
CA ARG B 30 7.16 3.90 -11.18
C ARG B 30 6.61 2.94 -12.22
N GLY B 31 5.29 2.73 -12.25
CA GLY B 31 4.68 1.95 -13.31
C GLY B 31 4.58 0.46 -13.06
N HIS B 32 5.03 -0.03 -11.90
CA HIS B 32 5.02 -1.45 -11.57
C HIS B 32 3.72 -1.85 -10.86
N ILE B 33 3.44 -3.15 -10.84
CA ILE B 33 2.26 -3.67 -10.14
C ILE B 33 2.72 -4.73 -9.14
N PRO B 34 3.34 -4.33 -8.04
CA PRO B 34 3.93 -5.32 -7.13
C PRO B 34 2.88 -6.16 -6.42
N LYS B 35 3.20 -7.45 -6.26
CA LYS B 35 2.54 -8.25 -5.23
C LYS B 35 3.09 -7.85 -3.88
N ILE B 36 2.20 -7.64 -2.92
CA ILE B 36 2.56 -7.13 -1.60
C ILE B 36 2.26 -8.19 -0.55
N LEU B 37 3.28 -8.58 0.23
CA LEU B 37 3.08 -9.36 1.46
C LEU B 37 3.64 -8.57 2.65
N ASN B 38 2.78 -8.22 3.60
CA ASN B 38 3.19 -7.51 4.82
C ASN B 38 3.52 -8.49 5.94
N THR B 39 4.80 -8.49 6.37
CA THR B 39 5.29 -9.41 7.40
C THR B 39 4.78 -9.06 8.79
N VAL B 40 4.61 -7.76 9.05
CA VAL B 40 4.03 -7.24 10.27
C VAL B 40 3.11 -6.09 9.86
N GLN B 41 2.23 -5.74 10.77
CA GLN B 41 1.51 -4.48 10.69
C GLN B 41 1.64 -3.81 12.05
N TYR B 42 2.42 -2.73 12.09
CA TYR B 42 2.74 -2.07 13.34
C TYR B 42 2.13 -0.66 13.34
N TYR B 43 1.96 -0.11 14.53
CA TYR B 43 1.44 1.25 14.60
C TYR B 43 2.38 2.21 13.88
N SER B 44 3.67 2.10 14.15
CA SER B 44 4.69 2.94 13.53
C SER B 44 6.05 2.28 13.76
N LYS B 45 7.06 2.79 13.04
CA LYS B 45 8.43 2.30 13.21
C LYS B 45 8.90 2.36 14.66
N PHE B 46 8.26 3.18 15.49
CA PHE B 46 8.65 3.38 16.87
C PHE B 46 7.85 2.53 17.86
N LYS B 47 6.53 2.39 17.66
CA LYS B 47 5.70 1.58 18.56
C LYS B 47 5.31 0.33 17.81
N HIS B 48 6.04 -0.75 18.05
CA HIS B 48 5.76 -2.00 17.36
C HIS B 48 4.59 -2.73 18.00
N SER B 49 3.54 -1.97 18.32
CA SER B 49 2.24 -2.53 18.63
C SER B 49 1.55 -2.92 17.34
N GLY B 50 0.96 -4.08 17.33
CA GLY B 50 0.20 -4.52 16.18
C GLY B 50 0.28 -6.03 16.02
N VAL B 51 0.51 -6.47 14.79
CA VAL B 51 0.33 -7.87 14.42
C VAL B 51 1.47 -8.34 13.55
N GLU B 52 1.90 -9.57 13.81
CA GLU B 52 2.90 -10.26 13.01
C GLU B 52 2.28 -11.45 12.32
N LEU B 53 2.72 -11.72 11.10
CA LEU B 53 2.40 -12.97 10.41
C LEU B 53 3.28 -14.09 10.95
N ASN B 54 2.68 -15.19 11.43
CA ASN B 54 3.54 -16.31 11.76
C ASN B 54 3.92 -17.04 10.47
N SER B 55 4.95 -17.88 10.56
CA SER B 55 5.46 -18.61 9.39
C SER B 55 4.38 -19.38 8.62
N GLN B 56 3.36 -19.91 9.32
CA GLN B 56 2.31 -20.63 8.61
C GLN B 56 1.49 -19.69 7.74
N GLU B 57 1.22 -18.49 8.25
CA GLU B 57 0.49 -17.53 7.45
C GLU B 57 1.31 -17.07 6.26
N VAL B 58 2.63 -16.87 6.43
CA VAL B 58 3.52 -16.57 5.28
C VAL B 58 3.43 -17.69 4.26
N ASP B 59 3.51 -18.94 4.71
CA ASP B 59 3.50 -20.05 3.77
C ASP B 59 2.17 -20.16 3.03
N ILE B 60 1.05 -19.82 3.68
CA ILE B 60 -0.23 -19.88 3.01
C ILE B 60 -0.28 -18.87 1.85
N ILE B 61 0.23 -17.66 2.07
CA ILE B 61 0.22 -16.67 0.99
C ILE B 61 1.18 -17.09 -0.10
N LEU B 62 2.41 -17.47 0.28
CA LEU B 62 3.45 -17.74 -0.70
C LEU B 62 3.18 -19.01 -1.49
N SER B 63 2.63 -20.05 -0.83
CA SER B 63 2.31 -21.29 -1.53
C SER B 63 1.25 -21.06 -2.60
N GLU B 64 0.22 -20.29 -2.27
CA GLU B 64 -0.77 -19.92 -3.28
C GLU B 64 -0.09 -19.20 -4.45
N TYR B 65 0.93 -18.38 -4.19
CA TYR B 65 1.66 -17.75 -5.29
C TYR B 65 2.42 -18.79 -6.11
N ASN B 66 3.00 -19.80 -5.46
CA ASN B 66 3.72 -20.83 -6.21
C ASN B 66 2.74 -21.69 -7.01
N LYS B 67 1.50 -21.83 -6.54
CA LYS B 67 0.49 -22.54 -7.30
C LYS B 67 0.18 -21.84 -8.62
N ASP B 68 -0.08 -20.52 -8.57
CA ASP B 68 -0.32 -19.76 -9.79
C ASP B 68 0.88 -19.78 -10.74
N GLN B 69 2.08 -19.88 -10.20
CA GLN B 69 3.29 -19.77 -11.01
C GLN B 69 3.73 -21.09 -11.63
N GLU B 70 3.36 -22.23 -11.03
CA GLU B 70 3.63 -23.53 -11.64
C GLU B 70 2.99 -23.61 -13.02
N PHE B 71 3.74 -24.19 -13.97
CA PHE B 71 3.31 -24.38 -15.35
C PHE B 71 3.22 -23.05 -16.09
N MET B 72 2.95 -21.97 -15.36
CA MET B 72 3.02 -20.61 -15.90
C MET B 72 4.49 -20.19 -15.94
N ASN B 73 5.18 -20.66 -16.98
CA ASN B 73 6.59 -20.32 -17.20
C ASN B 73 6.71 -19.29 -18.33
N ASP B 74 6.10 -18.13 -18.10
CA ASP B 74 6.06 -17.05 -19.07
C ASP B 74 6.41 -15.70 -18.45
N SER B 75 6.97 -15.68 -17.24
CA SER B 75 7.13 -14.44 -16.49
C SER B 75 8.51 -14.37 -15.85
N ASN B 76 8.95 -13.15 -15.57
CA ASN B 76 10.13 -12.89 -14.77
C ASN B 76 9.70 -12.59 -13.33
N ILE B 77 10.19 -13.40 -12.39
CA ILE B 77 9.83 -13.27 -10.99
C ILE B 77 10.95 -12.54 -10.26
N TYR B 78 10.59 -11.54 -9.47
CA TYR B 78 11.55 -10.71 -8.76
C TYR B 78 11.10 -10.59 -7.31
N PHE B 79 11.81 -11.22 -6.39
CA PHE B 79 11.49 -11.13 -4.97
C PHE B 79 12.32 -10.03 -4.33
N LEU B 80 11.67 -9.22 -3.52
CA LEU B 80 12.36 -8.23 -2.70
C LEU B 80 11.91 -8.47 -1.27
N THR B 81 12.84 -8.87 -0.42
CA THR B 81 12.52 -9.08 0.97
C THR B 81 13.25 -8.07 1.83
N GLY B 82 12.57 -7.64 2.90
CA GLY B 82 13.15 -6.72 3.86
C GLY B 82 12.89 -7.22 5.28
N TYR B 83 12.09 -6.47 6.03
CA TYR B 83 11.87 -6.72 7.44
C TYR B 83 11.06 -8.00 7.64
N ILE B 84 11.71 -9.04 8.14
CA ILE B 84 11.08 -10.26 8.64
C ILE B 84 11.54 -10.44 10.08
N LYS B 85 10.61 -10.55 11.00
CA LYS B 85 11.00 -10.42 12.40
C LYS B 85 11.41 -11.74 13.06
N ASN B 86 10.93 -12.88 12.60
CA ASN B 86 11.35 -14.13 13.22
C ASN B 86 11.93 -15.09 12.18
N ALA B 87 12.87 -15.90 12.65
CA ALA B 87 13.68 -16.75 11.78
C ALA B 87 12.88 -17.87 11.13
N GLU B 88 11.76 -18.29 11.74
CA GLU B 88 10.89 -19.25 11.06
C GLU B 88 10.31 -18.63 9.80
N CYS B 89 9.79 -17.41 9.90
CA CYS B 89 9.32 -16.73 8.70
C CYS B 89 10.45 -16.59 7.69
N VAL B 90 11.65 -16.18 8.13
CA VAL B 90 12.79 -16.07 7.19
C VAL B 90 13.06 -17.43 6.54
N ASP B 91 13.08 -18.50 7.33
CA ASP B 91 13.20 -19.85 6.78
C ASP B 91 12.06 -20.15 5.80
N MET B 92 10.83 -19.76 6.15
CA MET B 92 9.69 -20.07 5.30
C MET B 92 9.72 -19.26 4.00
N VAL B 93 10.03 -17.96 4.10
CA VAL B 93 10.20 -17.18 2.88
C VAL B 93 11.27 -17.82 2.00
N THR B 94 12.41 -18.21 2.60
CA THR B 94 13.51 -18.75 1.82
C THR B 94 13.10 -20.04 1.12
N LYS B 95 12.45 -20.96 1.86
CA LYS B 95 11.98 -22.19 1.24
C LYS B 95 11.03 -21.90 0.08
N ASN B 96 10.16 -20.92 0.22
CA ASN B 96 9.17 -20.67 -0.83
C ASN B 96 9.84 -20.06 -2.06
N ILE B 97 10.78 -19.13 -1.86
CA ILE B 97 11.55 -18.57 -2.97
C ILE B 97 12.38 -19.67 -3.62
N LEU B 98 12.98 -20.52 -2.78
CA LEU B 98 13.76 -21.64 -3.28
C LEU B 98 12.91 -22.59 -4.12
N GLU B 99 11.73 -22.98 -3.59
CA GLU B 99 10.89 -23.92 -4.31
C GLU B 99 10.40 -23.35 -5.64
N LEU B 100 10.20 -22.03 -5.71
CA LEU B 100 9.89 -21.40 -6.99
C LEU B 100 11.07 -21.52 -7.96
N ARG B 101 12.29 -21.25 -7.49
CA ARG B 101 13.43 -21.33 -8.39
C ARG B 101 13.61 -22.74 -8.95
N ARG B 102 13.29 -23.77 -8.17
CA ARG B 102 13.51 -25.14 -8.62
C ARG B 102 12.53 -25.53 -9.73
N LYS B 103 11.28 -25.09 -9.63
CA LYS B 103 10.32 -25.36 -10.70
C LYS B 103 10.75 -24.70 -12.01
N ARG B 104 11.13 -23.43 -11.94
CA ARG B 104 11.46 -22.66 -13.14
C ARG B 104 12.94 -22.72 -13.51
N LYS B 105 13.63 -23.80 -13.20
CA LYS B 105 15.02 -23.98 -13.63
C LYS B 105 15.23 -25.35 -14.24
N TYR B 303 29.68 -4.71 -17.46
CA TYR B 303 29.13 -4.71 -16.11
C TYR B 303 27.62 -4.55 -16.19
N PHE B 304 27.02 -5.22 -17.17
CA PHE B 304 25.58 -5.19 -17.35
C PHE B 304 24.92 -6.17 -16.40
N ILE B 305 23.81 -5.74 -15.78
CA ILE B 305 23.21 -6.48 -14.67
C ILE B 305 22.69 -7.84 -15.14
N GLU B 306 22.29 -7.95 -16.41
CA GLU B 306 21.70 -9.16 -16.98
C GLU B 306 22.73 -10.19 -17.45
N ASN B 307 24.02 -10.00 -17.14
CA ASN B 307 24.99 -11.08 -17.24
C ASN B 307 25.75 -11.28 -15.93
N ILE B 308 25.53 -10.41 -14.94
CA ILE B 308 25.94 -10.73 -13.57
C ILE B 308 24.89 -11.61 -12.91
N ILE B 309 23.61 -11.34 -13.17
CA ILE B 309 22.50 -12.11 -12.60
C ILE B 309 21.44 -12.34 -13.69
N ASN B 310 20.45 -13.15 -13.33
CA ASN B 310 19.49 -13.71 -14.28
C ASN B 310 18.15 -13.00 -14.13
N LEU B 311 17.81 -12.13 -15.10
CA LEU B 311 16.59 -11.34 -14.99
C LEU B 311 15.32 -12.15 -15.20
N ASN B 312 15.40 -13.47 -15.33
CA ASN B 312 14.21 -14.32 -15.30
C ASN B 312 13.77 -14.61 -13.88
N PHE B 313 14.70 -14.58 -12.92
CA PHE B 313 14.36 -14.85 -11.54
C PHE B 313 15.43 -14.25 -10.65
N LEU B 314 15.03 -13.33 -9.77
CA LEU B 314 15.93 -12.69 -8.81
C LEU B 314 15.33 -12.66 -7.41
N TRP B 315 16.18 -12.84 -6.41
CA TRP B 315 15.84 -12.57 -5.02
C TRP B 315 16.76 -11.45 -4.54
N VAL B 316 16.19 -10.28 -4.30
CA VAL B 316 16.92 -9.15 -3.73
C VAL B 316 16.60 -9.12 -2.24
N CYS B 317 17.58 -9.43 -1.41
CA CYS B 317 17.35 -9.54 0.03
C CYS B 317 17.93 -8.31 0.72
N ASP B 318 17.07 -7.48 1.29
CA ASP B 318 17.51 -6.50 2.29
C ASP B 318 17.40 -7.17 3.64
N PRO B 319 18.51 -7.53 4.29
CA PRO B 319 18.47 -8.31 5.55
C PRO B 319 18.33 -7.42 6.78
N VAL B 320 17.18 -6.74 6.86
CA VAL B 320 16.81 -5.84 7.97
C VAL B 320 16.98 -6.56 9.31
N MET B 321 18.07 -6.24 10.02
CA MET B 321 18.33 -6.87 11.31
C MET B 321 18.64 -5.84 12.38
N GLY B 322 19.21 -4.70 11.99
CA GLY B 322 19.55 -3.68 12.95
C GLY B 322 20.33 -2.53 12.33
N ASP B 323 20.73 -1.62 13.21
CA ASP B 323 21.65 -0.56 12.84
C ASP B 323 22.22 0.07 14.12
N ASN B 324 23.51 0.37 14.07
CA ASN B 324 24.18 1.23 15.05
C ASN B 324 24.06 0.67 16.47
N GLY B 325 24.32 -0.63 16.61
CA GLY B 325 24.28 -1.30 17.89
C GLY B 325 22.91 -1.82 18.33
N ARG B 326 21.83 -1.37 17.71
CA ARG B 326 20.49 -1.82 18.08
C ARG B 326 20.02 -2.89 17.11
N LEU B 327 19.45 -3.95 17.66
CA LEU B 327 19.06 -5.13 16.89
C LEU B 327 17.56 -5.33 17.03
N TYR B 328 16.89 -5.58 15.90
CA TYR B 328 15.45 -5.75 15.84
C TYR B 328 14.99 -7.20 15.85
N VAL B 329 15.90 -8.18 15.76
CA VAL B 329 15.49 -9.56 15.53
C VAL B 329 16.16 -10.52 16.49
N ASP B 330 16.17 -11.80 16.16
CA ASP B 330 16.85 -12.80 16.96
C ASP B 330 18.26 -12.98 16.44
N GLU B 331 19.13 -13.51 17.30
CA GLU B 331 20.33 -14.17 16.79
C GLU B 331 19.96 -15.38 15.95
N ARG B 332 18.74 -15.90 16.14
CA ARG B 332 18.19 -16.92 15.25
C ARG B 332 17.95 -16.36 13.85
N VAL B 333 17.37 -15.15 13.76
CA VAL B 333 17.16 -14.55 12.44
C VAL B 333 18.48 -14.36 11.72
N VAL B 334 19.54 -14.05 12.47
CA VAL B 334 20.85 -13.79 11.87
C VAL B 334 21.36 -15.05 11.17
N GLU B 335 21.30 -16.18 11.87
CA GLU B 335 21.72 -17.46 11.28
C GLU B 335 20.76 -17.92 10.18
N SER B 336 19.48 -17.55 10.25
CA SER B 336 18.58 -17.88 9.14
C SER B 336 18.98 -17.17 7.85
N TYR B 337 19.36 -15.88 7.93
CA TYR B 337 19.81 -15.22 6.72
C TYR B 337 21.12 -15.82 6.21
N LYS B 338 22.02 -16.21 7.11
CA LYS B 338 23.28 -16.83 6.69
C LYS B 338 23.03 -18.11 5.91
N LYS B 339 22.00 -18.87 6.32
CA LYS B 339 21.61 -20.04 5.53
C LYS B 339 20.96 -19.64 4.22
N ALA B 340 20.36 -18.46 4.17
CA ALA B 340 19.64 -18.04 2.97
C ALA B 340 20.54 -17.32 1.98
N ILE B 341 21.63 -16.70 2.44
CA ILE B 341 22.50 -15.95 1.53
C ILE B 341 22.90 -16.81 0.34
N GLU B 342 23.11 -18.11 0.57
CA GLU B 342 23.50 -19.03 -0.49
C GLU B 342 22.53 -18.96 -1.67
N TYR B 343 21.28 -18.61 -1.41
CA TYR B 343 20.24 -18.62 -2.43
C TYR B 343 19.85 -17.22 -2.89
N VAL B 344 20.57 -16.18 -2.42
CA VAL B 344 20.21 -14.79 -2.68
C VAL B 344 21.02 -14.28 -3.87
N ASP B 345 20.35 -13.56 -4.77
CA ASP B 345 21.00 -13.00 -5.95
C ASP B 345 21.71 -11.69 -5.61
N ILE B 346 21.05 -10.80 -4.89
CA ILE B 346 21.64 -9.53 -4.48
C ILE B 346 21.28 -9.28 -3.03
N ILE B 347 22.27 -9.01 -2.21
CA ILE B 347 22.09 -8.73 -0.80
C ILE B 347 22.46 -7.27 -0.58
N THR B 348 21.69 -6.57 0.26
CA THR B 348 21.87 -5.13 0.49
C THR B 348 21.94 -4.81 1.98
N PRO B 349 22.88 -5.40 2.73
CA PRO B 349 23.01 -5.06 4.14
C PRO B 349 23.55 -3.65 4.33
N ASN B 350 23.26 -3.08 5.51
CA ASN B 350 24.00 -1.90 5.96
C ASN B 350 25.30 -2.39 6.62
N GLN B 351 26.05 -1.49 7.26
CA GLN B 351 27.34 -1.91 7.81
C GLN B 351 27.15 -2.89 8.96
N TYR B 352 26.24 -2.57 9.89
CA TYR B 352 26.01 -3.44 11.04
C TYR B 352 25.56 -4.82 10.58
N GLU B 353 24.56 -4.85 9.71
CA GLU B 353 24.02 -6.12 9.23
C GLU B 353 25.11 -6.95 8.54
N THR B 354 26.04 -6.29 7.84
CA THR B 354 27.17 -7.01 7.26
C THR B 354 28.03 -7.66 8.33
N GLU B 355 28.32 -6.94 9.41
CA GLU B 355 29.08 -7.52 10.52
C GLU B 355 28.41 -8.76 11.05
N LEU B 356 27.07 -8.74 11.14
CA LEU B 356 26.32 -9.82 11.76
C LEU B 356 26.40 -11.09 10.91
N LEU B 357 26.22 -10.96 9.61
CA LEU B 357 26.25 -12.11 8.71
C LEU B 357 27.66 -12.58 8.41
N CYS B 358 28.66 -11.72 8.61
CA CYS B 358 30.04 -12.08 8.36
C CYS B 358 30.79 -12.43 9.63
N GLY B 359 30.31 -11.97 10.78
CA GLY B 359 31.05 -12.19 12.00
C GLY B 359 32.36 -11.44 12.03
N ILE B 360 32.37 -10.23 11.46
CA ILE B 360 33.60 -9.43 11.33
C ILE B 360 33.24 -7.98 11.60
N LYS B 361 33.85 -7.38 12.63
CA LYS B 361 33.68 -5.96 12.86
C LYS B 361 34.38 -5.17 11.76
N ILE B 362 33.81 -4.02 11.41
CA ILE B 362 34.32 -3.21 10.31
C ILE B 362 34.83 -1.90 10.88
N ASN B 363 36.15 -1.70 10.82
CA ASN B 363 36.78 -0.48 11.29
C ASN B 363 37.48 0.32 10.19
N GLU B 364 38.03 -0.36 9.18
CA GLU B 364 38.65 0.31 8.04
C GLU B 364 38.35 -0.52 6.79
N GLU B 365 38.84 -0.03 5.64
CA GLU B 365 38.37 -0.58 4.36
C GLU B 365 38.73 -2.05 4.18
N LYS B 366 39.83 -2.50 4.77
CA LYS B 366 40.23 -3.90 4.60
C LYS B 366 39.17 -4.84 5.14
N ASP B 367 38.51 -4.45 6.24
CA ASP B 367 37.44 -5.29 6.79
C ASP B 367 36.28 -5.38 5.82
N VAL B 368 35.96 -4.27 5.16
CA VAL B 368 34.89 -4.26 4.17
C VAL B 368 35.17 -5.28 3.08
N ILE B 369 36.42 -5.28 2.58
CA ILE B 369 36.78 -6.18 1.49
C ILE B 369 36.59 -7.64 1.91
N LYS B 370 37.14 -8.00 3.07
CA LYS B 370 36.95 -9.37 3.55
C LYS B 370 35.47 -9.67 3.76
N CYS B 371 34.69 -8.67 4.19
CA CYS B 371 33.26 -8.88 4.39
C CYS B 371 32.55 -9.14 3.07
N LEU B 372 32.75 -8.25 2.09
CA LEU B 372 32.30 -8.49 0.72
C LEU B 372 32.69 -9.88 0.24
N ASP B 373 33.89 -10.35 0.62
CA ASP B 373 34.40 -11.63 0.14
C ASP B 373 33.64 -12.81 0.71
N VAL B 374 33.39 -12.82 2.03
CA VAL B 374 32.66 -13.92 2.65
C VAL B 374 31.26 -14.05 2.05
N LEU B 375 30.56 -12.93 1.87
CA LEU B 375 29.20 -13.01 1.36
C LEU B 375 29.17 -13.50 -0.08
N LEU B 376 30.20 -13.16 -0.86
CA LEU B 376 30.25 -13.55 -2.25
C LEU B 376 30.54 -15.03 -2.42
N HIS B 377 31.48 -15.56 -1.64
CA HIS B 377 31.81 -16.98 -1.73
C HIS B 377 30.70 -17.86 -1.16
N LYS B 378 29.80 -17.29 -0.35
CA LYS B 378 28.61 -18.01 0.07
C LYS B 378 27.62 -18.21 -1.07
N GLY B 379 27.77 -17.47 -2.16
CA GLY B 379 26.90 -17.64 -3.31
C GLY B 379 26.13 -16.39 -3.73
N VAL B 380 26.10 -15.33 -2.93
CA VAL B 380 25.44 -14.11 -3.36
C VAL B 380 26.13 -13.61 -4.64
N LYS B 381 25.34 -13.05 -5.56
CA LYS B 381 25.88 -12.63 -6.84
C LYS B 381 26.35 -11.18 -6.84
N ILE B 382 25.58 -10.27 -6.22
CA ILE B 382 26.06 -8.91 -5.97
C ILE B 382 25.87 -8.59 -4.50
N VAL B 383 26.95 -8.14 -3.85
CA VAL B 383 26.87 -7.53 -2.54
C VAL B 383 26.84 -6.02 -2.72
N ILE B 384 25.88 -5.37 -2.08
CA ILE B 384 25.96 -3.95 -1.77
C ILE B 384 25.91 -3.82 -0.26
N ILE B 385 26.92 -3.18 0.31
CA ILE B 385 26.84 -2.69 1.68
C ILE B 385 26.46 -1.22 1.58
N THR B 386 25.23 -0.89 1.97
CA THR B 386 24.64 0.39 1.61
C THR B 386 25.39 1.57 2.20
N SER B 387 25.88 1.42 3.44
CA SER B 387 26.54 2.52 4.14
C SER B 387 27.54 1.96 5.13
N VAL B 388 28.81 2.34 4.97
CA VAL B 388 29.86 2.07 5.94
C VAL B 388 30.43 3.41 6.40
N ASN B 389 30.49 3.62 7.70
CA ASN B 389 30.99 4.87 8.27
C ASN B 389 32.33 4.61 8.94
N TYR B 390 33.34 5.40 8.59
CA TYR B 390 34.69 5.21 9.12
C TYR B 390 34.96 6.21 10.25
N ASN B 391 35.66 5.71 11.28
CA ASN B 391 36.00 6.53 12.44
C ASN B 391 36.62 7.86 12.06
N PHE B 392 37.35 7.90 10.94
CA PHE B 392 38.19 9.01 10.57
C PHE B 392 37.56 9.93 9.54
N ASP B 393 36.28 9.72 9.20
CA ASP B 393 35.60 10.57 8.23
C ASP B 393 34.12 10.59 8.61
N LYS B 394 33.76 11.52 9.50
CA LYS B 394 32.40 11.58 10.04
C LYS B 394 31.44 12.35 9.14
N ASP B 395 31.94 13.26 8.31
CA ASP B 395 31.07 13.96 7.38
C ASP B 395 30.53 13.07 6.27
N HIS B 396 31.16 11.92 6.04
CA HIS B 396 30.89 11.10 4.86
C HIS B 396 30.57 9.66 5.24
N LEU B 397 29.96 8.96 4.28
CA LEU B 397 29.73 7.52 4.38
C LEU B 397 29.96 6.91 3.00
N PHE B 398 30.18 5.61 2.99
CA PHE B 398 30.64 4.90 1.79
C PHE B 398 29.72 3.74 1.47
N LEU B 399 29.37 3.61 0.20
CA LEU B 399 28.61 2.47 -0.30
C LEU B 399 29.54 1.62 -1.14
N TYR B 400 29.60 0.33 -0.86
CA TYR B 400 30.43 -0.58 -1.61
C TYR B 400 29.57 -1.59 -2.33
N VAL B 401 30.03 -2.00 -3.50
CA VAL B 401 29.32 -2.99 -4.31
C VAL B 401 30.36 -3.90 -4.93
N SER B 402 30.08 -5.19 -4.92
CA SER B 402 31.02 -6.16 -5.45
C SER B 402 30.27 -7.28 -6.16
N PHE B 403 31.03 -8.00 -7.00
CA PHE B 403 30.51 -9.08 -7.83
C PHE B 403 31.63 -9.64 -8.72
N PHE B 404 31.54 -10.90 -9.13
CA PHE B 404 32.41 -11.42 -10.16
C PHE B 404 32.09 -10.75 -11.50
N ASN B 405 33.13 -10.42 -12.26
CA ASN B 405 32.88 -9.91 -13.61
C ASN B 405 32.65 -11.08 -14.57
N ASN B 406 32.47 -10.77 -15.85
CA ASN B 406 32.32 -11.81 -16.86
C ASN B 406 33.63 -12.56 -17.12
N LYS B 407 34.67 -12.40 -16.31
CA LYS B 407 35.91 -13.16 -16.41
C LYS B 407 36.27 -13.86 -15.11
N ASN B 408 35.25 -14.21 -14.31
CA ASN B 408 35.45 -14.94 -13.05
C ASN B 408 36.38 -14.21 -12.09
N LYS B 409 36.49 -12.89 -12.23
CA LYS B 409 37.33 -12.07 -11.37
C LYS B 409 36.46 -11.09 -10.60
N ILE B 410 36.76 -10.90 -9.32
CA ILE B 410 35.90 -10.10 -8.46
C ILE B 410 36.39 -8.65 -8.43
N VAL B 411 35.43 -7.74 -8.28
CA VAL B 411 35.59 -6.30 -8.49
C VAL B 411 34.97 -5.54 -7.32
N TYR B 412 35.61 -4.46 -6.90
CA TYR B 412 35.08 -3.64 -5.82
C TYR B 412 34.94 -2.19 -6.25
N PHE B 413 33.94 -1.52 -5.71
CA PHE B 413 33.71 -0.10 -5.99
C PHE B 413 33.15 0.59 -4.75
N LYS B 414 33.63 1.79 -4.49
CA LYS B 414 33.14 2.62 -3.40
C LYS B 414 32.34 3.79 -3.97
N TYR B 415 31.35 4.26 -3.21
CA TYR B 415 30.66 5.50 -3.50
C TYR B 415 30.76 6.40 -2.27
N LYS B 416 31.36 7.57 -2.45
CA LYS B 416 31.56 8.52 -1.36
C LYS B 416 30.40 9.51 -1.32
N ILE B 417 29.68 9.53 -0.20
CA ILE B 417 28.48 10.34 -0.03
C ILE B 417 28.57 11.06 1.30
N LEU B 418 27.96 12.24 1.38
CA LEU B 418 27.96 13.05 2.59
C LEU B 418 26.61 12.93 3.31
N LYS B 419 26.65 13.07 4.62
CA LYS B 419 25.44 12.94 5.43
C LYS B 419 24.61 14.22 5.49
N ASN B 423 19.98 12.20 10.71
CA ASN B 423 19.56 11.14 9.79
C ASN B 423 18.08 10.82 9.99
N CYS B 424 17.42 10.41 8.91
CA CYS B 424 16.06 9.89 8.97
C CYS B 424 16.07 8.48 8.43
N PHE B 425 15.42 7.56 9.16
CA PHE B 425 15.37 6.17 8.75
C PHE B 425 14.61 6.04 7.44
N GLY B 426 14.61 4.82 6.89
CA GLY B 426 13.90 4.52 5.66
C GLY B 426 14.68 4.81 4.39
N SER B 427 15.87 5.41 4.48
CA SER B 427 16.72 5.59 3.31
C SER B 427 17.13 4.24 2.73
N GLY B 428 17.37 3.25 3.60
CA GLY B 428 17.75 1.93 3.13
C GLY B 428 16.62 1.26 2.38
N ASP B 429 15.40 1.34 2.91
CA ASP B 429 14.23 0.82 2.24
C ASP B 429 13.97 1.52 0.91
N LEU B 430 14.05 2.86 0.87
CA LEU B 430 13.95 3.53 -0.42
C LEU B 430 14.99 3.00 -1.38
N PHE B 431 16.23 2.80 -0.90
CA PHE B 431 17.32 2.44 -1.79
C PHE B 431 17.08 1.11 -2.46
N SER B 432 16.63 0.14 -1.67
CA SER B 432 16.46 -1.24 -2.16
C SER B 432 15.38 -1.33 -3.22
N CYS B 433 14.17 -0.88 -2.90
CA CYS B 433 13.09 -0.97 -3.89
C CYS B 433 13.41 -0.12 -5.12
N LEU B 434 14.00 1.06 -4.93
CA LEU B 434 14.46 1.82 -6.08
C LEU B 434 15.46 1.01 -6.92
N LEU B 435 16.28 0.16 -6.29
CA LEU B 435 17.33 -0.55 -7.03
C LEU B 435 16.73 -1.60 -7.97
N LEU B 436 15.79 -2.40 -7.45
CA LEU B 436 15.08 -3.38 -8.26
C LEU B 436 14.32 -2.73 -9.42
N SER B 437 13.65 -1.61 -9.16
CA SER B 437 12.89 -0.99 -10.25
C SER B 437 13.81 -0.54 -11.39
N PHE B 438 15.00 -0.04 -11.08
CA PHE B 438 15.95 0.30 -12.15
C PHE B 438 16.50 -0.96 -12.83
N ILE B 439 16.86 -1.99 -12.06
CA ILE B 439 17.43 -3.21 -12.64
C ILE B 439 16.46 -3.87 -13.63
N VAL B 440 15.21 -4.09 -13.21
CA VAL B 440 14.33 -4.92 -14.03
C VAL B 440 13.77 -4.17 -15.23
N LYS B 441 13.66 -2.84 -15.14
CA LYS B 441 13.10 -2.04 -16.23
C LYS B 441 14.22 -1.54 -17.14
N GLN B 442 15.05 -0.63 -16.62
CA GLN B 442 16.13 -0.07 -17.42
C GLN B 442 17.14 -1.14 -17.84
N LYS B 443 17.44 -2.07 -16.94
CA LYS B 443 18.51 -3.06 -17.12
C LYS B 443 19.84 -2.28 -17.24
N GLY B 444 20.81 -2.81 -17.97
CA GLY B 444 22.03 -2.07 -18.16
C GLY B 444 23.00 -2.15 -16.99
N ASN B 445 23.93 -1.22 -16.98
CA ASN B 445 25.10 -1.29 -16.12
C ASN B 445 24.74 -0.98 -14.67
N ILE B 446 25.13 -1.89 -13.77
CA ILE B 446 24.72 -1.78 -12.36
C ILE B 446 25.33 -0.55 -11.71
N LEU B 447 26.59 -0.26 -12.01
CA LEU B 447 27.23 0.90 -11.41
C LEU B 447 26.60 2.21 -11.87
N HIS B 448 26.06 2.25 -13.10
CA HIS B 448 25.26 3.40 -13.51
C HIS B 448 23.94 3.44 -12.76
N ILE B 449 23.27 2.28 -12.68
CA ILE B 449 22.03 2.16 -11.91
C ILE B 449 22.21 2.70 -10.50
N ILE B 450 23.34 2.35 -9.85
CA ILE B 450 23.51 2.69 -8.44
C ILE B 450 23.61 4.20 -8.27
N SER B 451 24.45 4.85 -9.07
CA SER B 451 24.49 6.31 -9.07
C SER B 451 23.10 6.89 -9.26
N LYS B 452 22.34 6.37 -10.23
CA LYS B 452 21.00 6.89 -10.48
C LYS B 452 20.10 6.73 -9.26
N VAL B 453 20.18 5.59 -8.58
CA VAL B 453 19.42 5.39 -7.36
C VAL B 453 19.87 6.38 -6.29
N LEU B 454 21.19 6.52 -6.14
CA LEU B 454 21.74 7.48 -5.20
C LEU B 454 21.27 8.90 -5.50
N ASN B 455 21.17 9.25 -6.79
CA ASN B 455 20.65 10.54 -7.19
C ASN B 455 19.25 10.79 -6.61
N ILE B 456 18.41 9.77 -6.64
CA ILE B 456 17.04 9.96 -6.18
C ILE B 456 16.98 10.01 -4.66
N VAL B 457 17.68 9.09 -3.98
CA VAL B 457 17.67 9.07 -2.53
C VAL B 457 18.16 10.40 -1.96
N GLN B 458 19.31 10.87 -2.45
CA GLN B 458 19.83 12.15 -1.99
C GLN B 458 18.79 13.25 -2.15
N ASN B 459 18.14 13.29 -3.32
CA ASN B 459 17.20 14.37 -3.60
C ASN B 459 15.94 14.29 -2.73
N VAL B 460 15.54 13.08 -2.31
CA VAL B 460 14.44 12.98 -1.35
C VAL B 460 14.94 13.34 0.04
N ILE B 461 16.14 12.87 0.39
CA ILE B 461 16.78 13.20 1.66
C ILE B 461 16.81 14.71 1.89
N LYS B 462 17.09 15.46 0.83
CA LYS B 462 17.24 16.91 0.89
C LYS B 462 15.95 17.62 1.34
N ASN B 463 14.81 16.94 1.33
CA ASN B 463 13.54 17.55 1.70
C ASN B 463 12.95 17.03 3.00
N SER B 464 13.49 15.95 3.55
CA SER B 464 12.98 15.31 4.76
C SER B 464 13.74 15.73 6.01
N LEU B 465 14.47 16.83 5.96
CA LEU B 465 15.13 17.35 7.15
C LEU B 465 14.13 18.04 8.07
N THR B 466 13.19 18.80 7.48
CA THR B 466 12.17 19.50 8.25
C THR B 466 11.29 18.57 9.08
N GLY B 467 11.41 17.25 8.92
CA GLY B 467 10.70 16.30 9.75
C GLY B 467 11.57 15.17 10.26
N LEU B 468 10.93 14.07 10.68
CA LEU B 468 11.63 12.86 11.08
C LEU B 468 11.51 11.72 10.08
N GLU B 469 10.44 11.68 9.27
CA GLU B 469 10.31 10.71 8.20
C GLU B 469 10.91 11.27 6.91
N LEU B 470 11.15 10.37 5.95
CA LEU B 470 11.36 10.79 4.57
C LEU B 470 10.05 11.29 3.98
N ASN B 471 10.16 12.32 3.13
CA ASN B 471 8.99 12.91 2.46
C ASN B 471 8.67 12.15 1.18
N ILE B 472 8.25 10.88 1.35
CA ILE B 472 7.98 9.99 0.21
C ILE B 472 6.93 10.60 -0.70
N ILE B 473 5.85 11.14 -0.13
CA ILE B 473 4.78 11.67 -0.94
C ILE B 473 5.14 13.03 -1.54
N GLU B 474 5.69 13.94 -0.74
CA GLU B 474 6.04 15.28 -1.24
C GLU B 474 7.00 15.24 -2.42
N ASN B 475 7.80 14.17 -2.54
CA ASN B 475 8.80 13.99 -3.60
C ASN B 475 8.54 12.81 -4.52
N GLN B 476 7.26 12.51 -4.80
CA GLN B 476 6.94 11.31 -5.56
C GLN B 476 7.34 11.44 -7.02
N ASP B 477 7.33 12.66 -7.57
CA ASP B 477 7.81 12.83 -8.93
C ASP B 477 9.32 12.66 -9.03
N ILE B 478 10.06 13.06 -7.99
CA ILE B 478 11.47 12.69 -7.91
C ILE B 478 11.63 11.19 -7.87
N ILE B 479 10.82 10.51 -7.04
CA ILE B 479 10.95 9.06 -6.87
C ILE B 479 10.68 8.34 -8.19
N ALA B 480 9.81 8.91 -9.03
CA ALA B 480 9.49 8.31 -10.32
C ALA B 480 10.49 8.64 -11.43
N SER B 481 11.62 9.25 -11.09
CA SER B 481 12.45 9.88 -12.10
C SER B 481 13.44 8.91 -12.74
N ASP B 482 14.30 9.49 -13.59
CA ASP B 482 15.38 8.83 -14.29
C ASP B 482 16.60 8.61 -13.41
N GLY B 483 16.76 9.44 -12.38
CA GLY B 483 18.00 9.49 -11.63
C GLY B 483 18.97 10.50 -12.22
N LEU B 484 18.46 11.63 -12.71
CA LEU B 484 19.31 12.69 -13.25
C LEU B 484 18.71 14.07 -12.97
N LEU B 489 25.79 13.77 -9.94
CA LEU B 489 25.92 12.32 -9.80
C LEU B 489 27.15 11.95 -8.96
N ILE B 490 27.15 10.72 -8.44
CA ILE B 490 28.27 10.16 -7.70
C ILE B 490 28.80 8.98 -8.50
N LYS B 491 30.04 9.08 -8.99
CA LYS B 491 30.59 8.03 -9.82
C LYS B 491 31.41 7.06 -9.00
N GLU B 492 31.27 5.78 -9.34
CA GLU B 492 32.02 4.66 -8.78
C GLU B 492 33.50 4.98 -8.59
N GLU B 493 34.06 4.42 -7.52
CA GLU B 493 35.51 4.44 -7.31
C GLU B 493 36.01 3.01 -7.15
N PRO B 494 36.81 2.48 -8.07
CA PRO B 494 37.28 1.11 -7.93
C PRO B 494 38.15 0.93 -6.70
N VAL B 495 38.21 -0.31 -6.21
CA VAL B 495 38.87 -0.63 -4.95
C VAL B 495 39.65 -1.93 -5.14
N PHE B 496 40.86 -1.98 -4.57
CA PHE B 496 41.74 -3.14 -4.71
C PHE B 496 42.29 -3.64 -3.38
#